data_4KTD
#
_entry.id   4KTD
#
_cell.length_a   44.920
_cell.length_b   71.500
_cell.length_c   154.240
_cell.angle_alpha   90.000
_cell.angle_beta   90.000
_cell.angle_gamma   90.000
#
_symmetry.space_group_name_H-M   'P 21 21 21'
#
loop_
_entity.id
_entity.type
_entity.pdbx_description
1 polymer 'GE136 Heavy Chain Fab'
2 polymer 'GE136 Light Chain Fab'
3 non-polymer 'SULFATE ION'
4 non-polymer GLYCEROL
5 water water
#
loop_
_entity_poly.entity_id
_entity_poly.type
_entity_poly.pdbx_seq_one_letter_code
_entity_poly.pdbx_strand_id
1 'polypeptide(L)'
;EVQLVESGPGLVKPSETLSLTCAVSGGSISTNDWSWIRQPPGKGLEWIGGISGSSGDTDYNPALKSQVTISTDTSKNQFS
LKLTSVTAADTAVYYCVREGIVLVNLAVKNWFDVWGPGVLVTVSSASTKGPSVFPLAPSSKSTSGGTAALGCLVKDYFPE
PVTVSWNSGALTSGVHTFPAVLQSSGLYSLSSVVTVPSSSLGTQTYICNVNHKPSNTKVDKRVEPKSHHHHHHP
;
H
2 'polypeptide(L)'
;QPVLTQPTSLSASPGASARLSCTLSSGFTVGRYSIFWYQQKPGSPPRYLLYYFSDSSQHQGSGVPSRFSGSKDASANAGL
LLISGLQSEDEADYHCAIWHSGAWVFGGGTRLTVLGQPKAAPSVTLFPPSSEELQANKATLVCLISDFYPGAVTVAWKAD
SSPVKAGVETTTPSKQSNNKYAASSYLSLTPEQWKSHRSYSCQVTHEGSTVEKTVAPTK
;
L
#
loop_
_chem_comp.id
_chem_comp.type
_chem_comp.name
_chem_comp.formula
GOL non-polymer GLYCEROL 'C3 H8 O3'
SO4 non-polymer 'SULFATE ION' 'O4 S -2'
#
# COMPACT_ATOMS: atom_id res chain seq x y z
N VAL A 2 5.09 25.43 -10.93
CA VAL A 2 5.44 24.26 -11.73
C VAL A 2 4.53 23.08 -11.44
N GLN A 3 4.07 22.41 -12.49
CA GLN A 3 3.18 21.27 -12.36
C GLN A 3 3.69 20.06 -13.14
N LEU A 4 3.68 18.89 -12.50
CA LEU A 4 4.09 17.65 -13.13
C LEU A 4 2.91 16.70 -13.21
N VAL A 5 2.69 16.10 -14.37
CA VAL A 5 1.60 15.15 -14.56
C VAL A 5 2.07 13.89 -15.27
N GLU A 6 2.09 12.76 -14.54
CA GLU A 6 2.47 11.49 -15.14
C GLU A 6 1.37 10.97 -16.05
N SER A 7 1.75 10.46 -17.22
CA SER A 7 0.79 9.89 -18.15
C SER A 7 1.31 8.59 -18.75
N GLY A 8 0.41 7.63 -18.98
CA GLY A 8 0.77 6.37 -19.57
C GLY A 8 -0.25 5.28 -19.32
N PRO A 9 -0.16 4.16 -20.06
CA PRO A 9 -1.04 3.01 -19.90
C PRO A 9 -1.08 2.51 -18.46
N GLY A 10 -2.27 2.21 -17.96
CA GLY A 10 -2.44 1.72 -16.60
C GLY A 10 -2.19 0.22 -16.48
N LEU A 11 -2.19 -0.45 -17.62
CA LEU A 11 -2.01 -1.90 -17.67
C LEU A 11 -0.87 -2.30 -18.60
N VAL A 12 0.05 -3.14 -18.10
CA VAL A 12 1.12 -3.69 -18.92
C VAL A 12 1.19 -5.20 -18.71
N LYS A 13 1.41 -5.94 -19.78
CA LYS A 13 1.57 -7.39 -19.68
C LYS A 13 2.99 -7.73 -19.27
N PRO A 14 3.14 -8.81 -18.49
CA PRO A 14 4.48 -9.26 -18.06
C PRO A 14 5.39 -9.50 -19.27
N SER A 15 6.69 -9.23 -19.09
CA SER A 15 7.72 -9.31 -20.14
C SER A 15 7.68 -8.17 -21.16
N GLU A 16 6.60 -7.39 -21.15
CA GLU A 16 6.47 -6.27 -22.07
C GLU A 16 7.09 -5.00 -21.49
N THR A 17 6.88 -3.88 -22.17
CA THR A 17 7.52 -2.62 -21.79
C THR A 17 6.55 -1.62 -21.15
N LEU A 18 6.94 -1.11 -19.99
CA LEU A 18 6.21 -0.07 -19.30
C LEU A 18 6.74 1.30 -19.73
N SER A 19 5.87 2.12 -20.29
CA SER A 19 6.26 3.46 -20.73
C SER A 19 5.42 4.53 -20.07
N LEU A 20 6.07 5.57 -19.57
CA LEU A 20 5.38 6.67 -18.91
C LEU A 20 5.99 8.01 -19.28
N THR A 21 5.14 9.01 -19.42
CA THR A 21 5.58 10.36 -19.75
C THR A 21 5.18 11.32 -18.64
N CYS A 22 6.08 12.24 -18.31
CA CYS A 22 5.78 13.28 -17.33
C CYS A 22 5.68 14.64 -18.01
N ALA A 23 4.47 15.18 -18.08
CA ALA A 23 4.27 16.50 -18.66
C ALA A 23 4.58 17.58 -17.61
N VAL A 24 5.41 18.53 -17.99
CA VAL A 24 5.82 19.61 -17.09
C VAL A 24 5.32 20.96 -17.59
N SER A 25 4.66 21.71 -16.72
CA SER A 25 4.18 23.04 -17.08
C SER A 25 4.63 24.07 -16.04
N GLY A 26 4.88 25.30 -16.50
CA GLY A 26 5.33 26.35 -15.62
C GLY A 26 6.78 26.18 -15.20
N GLY A 27 7.57 25.54 -16.08
CA GLY A 27 8.97 25.31 -15.82
C GLY A 27 9.68 24.69 -17.01
N SER A 28 11.01 24.73 -17.00
CA SER A 28 11.80 24.18 -18.09
C SER A 28 12.53 22.91 -17.69
N ILE A 29 12.52 21.92 -18.59
CA ILE A 29 13.22 20.67 -18.36
C ILE A 29 14.73 20.87 -18.28
N SER A 30 15.24 21.72 -19.17
CA SER A 30 16.67 21.91 -19.34
C SER A 30 17.39 22.49 -18.11
N THR A 31 16.64 23.15 -17.25
CA THR A 31 17.24 23.88 -16.13
C THR A 31 17.16 23.14 -14.78
N ASN A 32 16.67 21.90 -14.80
CA ASN A 32 16.54 21.13 -13.56
C ASN A 32 16.93 19.66 -13.70
N ASP A 33 17.09 18.99 -12.57
CA ASP A 33 17.26 17.54 -12.54
C ASP A 33 15.93 16.89 -12.23
N TRP A 34 15.71 15.69 -12.76
CA TRP A 34 14.42 15.01 -12.61
C TRP A 34 14.62 13.55 -12.22
N SER A 35 13.65 12.99 -11.52
CA SER A 35 13.73 11.61 -11.09
C SER A 35 12.39 10.89 -11.18
N TRP A 36 12.46 9.57 -11.37
CA TRP A 36 11.29 8.72 -11.29
C TRP A 36 11.33 7.93 -9.98
N ILE A 37 10.20 7.90 -9.29
CA ILE A 37 10.10 7.16 -8.04
C ILE A 37 8.80 6.37 -8.07
N ARG A 38 8.81 5.15 -7.53
CA ARG A 38 7.60 4.35 -7.52
C ARG A 38 7.28 3.81 -6.13
N GLN A 39 6.03 3.39 -5.95
CA GLN A 39 5.57 2.88 -4.68
C GLN A 39 4.52 1.80 -4.90
N PRO A 40 4.93 0.53 -4.77
CA PRO A 40 4.00 -0.60 -4.84
C PRO A 40 2.90 -0.45 -3.81
N PRO A 41 1.68 -0.93 -4.13
CA PRO A 41 0.54 -0.82 -3.22
C PRO A 41 0.89 -1.31 -1.82
N GLY A 42 0.64 -0.47 -0.82
CA GLY A 42 0.89 -0.83 0.56
C GLY A 42 2.36 -0.94 0.94
N LYS A 43 3.25 -0.46 0.09
CA LYS A 43 4.68 -0.55 0.35
C LYS A 43 5.34 0.81 0.40
N GLY A 44 6.66 0.81 0.57
CA GLY A 44 7.42 2.04 0.65
C GLY A 44 7.94 2.48 -0.70
N LEU A 45 8.74 3.55 -0.70
CA LEU A 45 9.20 4.18 -1.93
C LEU A 45 10.43 3.49 -2.51
N GLU A 46 10.62 3.62 -3.82
CA GLU A 46 11.82 3.14 -4.49
C GLU A 46 12.26 4.09 -5.60
N TRP A 47 13.47 4.62 -5.47
CA TRP A 47 14.03 5.49 -6.48
C TRP A 47 14.45 4.67 -7.70
N ILE A 48 13.86 4.98 -8.85
CA ILE A 48 14.13 4.26 -10.08
C ILE A 48 15.39 4.80 -10.75
N GLY A 49 15.40 6.11 -10.98
CA GLY A 49 16.53 6.74 -11.62
C GLY A 49 16.37 8.25 -11.74
N GLY A 50 17.44 8.90 -12.20
CA GLY A 50 17.43 10.34 -12.37
C GLY A 50 18.07 10.75 -13.68
N ILE A 51 17.72 11.95 -14.15
CA ILE A 51 18.31 12.47 -15.37
C ILE A 51 18.59 13.97 -15.22
N SER A 52 19.72 14.41 -15.78
CA SER A 52 20.06 15.82 -15.78
C SER A 52 19.45 16.47 -17.02
N GLY A 53 18.60 17.46 -16.79
CA GLY A 53 17.95 18.16 -17.88
C GLY A 53 18.92 18.98 -18.72
N SER A 54 20.11 19.24 -18.17
CA SER A 54 21.11 20.05 -18.85
C SER A 54 22.09 19.23 -19.69
N SER A 55 22.50 18.07 -19.17
CA SER A 55 23.49 17.25 -19.84
C SER A 55 22.88 16.01 -20.48
N GLY A 56 21.76 15.55 -19.95
CA GLY A 56 21.11 14.36 -20.45
C GLY A 56 21.68 13.10 -19.83
N ASP A 57 22.70 13.26 -19.01
CA ASP A 57 23.31 12.12 -18.31
C ASP A 57 22.32 11.54 -17.32
N THR A 58 22.42 10.23 -17.10
CA THR A 58 21.47 9.53 -16.24
C THR A 58 22.15 8.79 -15.09
N ASP A 59 21.35 8.44 -14.10
CA ASP A 59 21.81 7.63 -12.98
C ASP A 59 20.66 6.70 -12.60
N TYR A 60 20.86 5.40 -12.77
CA TYR A 60 19.81 4.43 -12.51
C TYR A 60 20.08 3.64 -11.24
N ASN A 61 19.02 3.18 -10.59
CA ASN A 61 19.13 2.26 -9.46
C ASN A 61 19.76 0.97 -9.94
N PRO A 62 20.91 0.59 -9.34
CA PRO A 62 21.70 -0.59 -9.72
C PRO A 62 20.89 -1.89 -9.73
N ALA A 63 19.86 -1.98 -8.88
CA ALA A 63 19.02 -3.17 -8.84
C ALA A 63 18.04 -3.20 -10.01
N LEU A 64 17.93 -2.09 -10.72
CA LEU A 64 16.98 -1.96 -11.82
C LEU A 64 17.69 -1.61 -13.13
N LYS A 65 19.01 -1.61 -13.11
CA LYS A 65 19.84 -1.17 -14.23
C LYS A 65 19.45 -1.69 -15.61
N SER A 66 19.18 -2.99 -15.70
CA SER A 66 18.90 -3.63 -16.97
C SER A 66 17.53 -3.27 -17.55
N GLN A 67 16.68 -2.63 -16.74
CA GLN A 67 15.32 -2.33 -17.14
C GLN A 67 15.10 -0.87 -17.56
N VAL A 68 15.83 0.03 -16.92
CA VAL A 68 15.49 1.45 -16.94
C VAL A 68 16.05 2.23 -18.14
N THR A 69 15.17 3.04 -18.73
CA THR A 69 15.59 4.08 -19.66
C THR A 69 14.85 5.37 -19.32
N ILE A 70 15.60 6.42 -19.00
CA ILE A 70 15.02 7.72 -18.72
C ILE A 70 15.54 8.75 -19.70
N SER A 71 14.63 9.38 -20.42
CA SER A 71 14.99 10.32 -21.48
C SER A 71 14.24 11.64 -21.31
N THR A 72 14.65 12.64 -22.09
CA THR A 72 13.99 13.94 -22.06
C THR A 72 13.53 14.38 -23.44
N ASP A 73 12.43 15.12 -23.49
CA ASP A 73 11.98 15.74 -24.73
C ASP A 73 11.76 17.23 -24.50
N THR A 74 12.83 18.01 -24.66
CA THR A 74 12.77 19.45 -24.42
C THR A 74 11.80 20.16 -25.35
N SER A 75 11.55 19.55 -26.51
CA SER A 75 10.62 20.11 -27.49
C SER A 75 9.21 20.28 -26.91
N LYS A 76 8.73 19.24 -26.22
CA LYS A 76 7.39 19.27 -25.66
C LYS A 76 7.43 19.38 -24.13
N ASN A 77 8.60 19.73 -23.61
CA ASN A 77 8.82 19.90 -22.17
C ASN A 77 8.44 18.66 -21.37
N GLN A 78 8.85 17.50 -21.86
CA GLN A 78 8.54 16.24 -21.20
C GLN A 78 9.81 15.46 -20.84
N PHE A 79 9.65 14.47 -19.99
CA PHE A 79 10.69 13.47 -19.79
C PHE A 79 10.03 12.14 -19.47
N SER A 80 10.59 11.06 -20.00
CA SER A 80 9.90 9.78 -19.97
C SER A 80 10.64 8.66 -19.24
N LEU A 81 9.88 7.63 -18.88
CA LEU A 81 10.43 6.45 -18.25
C LEU A 81 10.10 5.22 -19.09
N LYS A 82 11.08 4.35 -19.29
CA LYS A 82 10.86 3.08 -19.96
C LYS A 82 11.39 1.95 -19.09
N LEU A 83 10.51 1.01 -18.76
CA LEU A 83 10.89 -0.19 -18.03
C LEU A 83 10.60 -1.41 -18.88
N THR A 84 11.65 -2.08 -19.34
CA THR A 84 11.50 -3.25 -20.17
C THR A 84 11.27 -4.51 -19.33
N SER A 85 10.71 -5.53 -19.97
CA SER A 85 10.54 -6.86 -19.37
C SER A 85 9.96 -6.84 -17.95
N VAL A 86 8.84 -6.13 -17.78
CA VAL A 86 8.25 -5.96 -16.45
C VAL A 86 7.70 -7.27 -15.87
N THR A 87 7.60 -7.31 -14.55
CA THR A 87 6.97 -8.41 -13.83
C THR A 87 5.98 -7.83 -12.83
N ALA A 88 5.46 -8.69 -11.95
CA ALA A 88 4.53 -8.26 -10.92
C ALA A 88 5.16 -7.25 -9.95
N ALA A 89 6.48 -7.25 -9.88
CA ALA A 89 7.21 -6.34 -9.01
C ALA A 89 7.13 -4.89 -9.49
N ASP A 90 6.71 -4.71 -10.74
CA ASP A 90 6.65 -3.38 -11.33
C ASP A 90 5.27 -2.75 -11.20
N THR A 91 4.34 -3.49 -10.62
CA THR A 91 3.04 -2.93 -10.26
C THR A 91 3.23 -1.93 -9.14
N ALA A 92 2.94 -0.66 -9.41
CA ALA A 92 3.17 0.41 -8.45
C ALA A 92 2.54 1.72 -8.90
N VAL A 93 2.49 2.67 -7.97
CA VAL A 93 2.19 4.06 -8.31
C VAL A 93 3.50 4.70 -8.73
N TYR A 94 3.53 5.33 -9.90
CA TYR A 94 4.75 5.94 -10.41
C TYR A 94 4.72 7.47 -10.34
N TYR A 95 5.74 8.05 -9.72
CA TYR A 95 5.84 9.50 -9.58
C TYR A 95 6.99 10.07 -10.40
N CYS A 96 6.72 11.17 -11.09
CA CYS A 96 7.80 11.95 -11.66
C CYS A 96 8.09 13.13 -10.74
N VAL A 97 9.36 13.46 -10.57
CA VAL A 97 9.78 14.42 -9.56
C VAL A 97 10.82 15.39 -10.11
N ARG A 98 10.69 16.67 -9.75
CA ARG A 98 11.76 17.62 -10.02
C ARG A 98 12.63 17.71 -8.78
N GLU A 99 13.94 17.49 -8.97
CA GLU A 99 14.86 17.50 -7.84
C GLU A 99 15.18 18.91 -7.37
N GLY A 100 15.36 19.07 -6.07
CA GLY A 100 15.80 20.32 -5.49
C GLY A 100 17.30 20.23 -5.30
N ILE A 101 17.97 21.37 -5.25
CA ILE A 101 19.41 21.39 -5.03
C ILE A 101 19.82 22.60 -4.21
N VAL A 102 20.62 22.35 -3.17
CA VAL A 102 21.08 23.42 -2.30
C VAL A 102 22.51 23.15 -1.85
N LEU A 103 23.28 24.23 -1.68
CA LEU A 103 24.65 24.12 -1.22
C LEU A 103 24.70 24.39 0.28
N VAL A 104 25.21 23.42 1.03
CA VAL A 104 25.38 23.57 2.47
C VAL A 104 26.84 23.27 2.82
N ASN A 105 27.55 24.28 3.31
CA ASN A 105 28.98 24.17 3.59
C ASN A 105 29.74 23.68 2.37
N LEU A 106 29.43 24.26 1.21
CA LEU A 106 30.03 23.89 -0.07
C LEU A 106 29.80 22.42 -0.46
N ALA A 107 28.83 21.78 0.18
CA ALA A 107 28.44 20.43 -0.17
C ALA A 107 27.10 20.43 -0.89
N VAL A 108 27.01 19.67 -1.97
CA VAL A 108 25.78 19.62 -2.76
C VAL A 108 24.76 18.69 -2.12
N LYS A 109 23.57 19.22 -1.86
CA LYS A 109 22.48 18.42 -1.31
C LYS A 109 21.30 18.35 -2.27
N ASN A 110 20.92 17.14 -2.64
CA ASN A 110 19.79 16.93 -3.54
C ASN A 110 18.61 16.29 -2.82
N TRP A 111 17.40 16.76 -3.12
CA TRP A 111 16.20 16.16 -2.55
C TRP A 111 15.09 16.10 -3.58
N PHE A 112 14.00 15.42 -3.24
CA PHE A 112 12.86 15.33 -4.12
C PHE A 112 11.87 16.44 -3.82
N ASP A 113 11.88 17.47 -4.67
CA ASP A 113 11.22 18.74 -4.39
C ASP A 113 9.76 18.77 -4.85
N VAL A 114 9.54 18.83 -6.16
CA VAL A 114 8.20 18.90 -6.72
C VAL A 114 7.74 17.54 -7.24
N TRP A 115 6.60 17.07 -6.75
CA TRP A 115 6.09 15.75 -7.13
C TRP A 115 4.83 15.84 -7.98
N GLY A 116 4.69 14.89 -8.92
CA GLY A 116 3.44 14.73 -9.64
C GLY A 116 2.46 13.96 -8.76
N PRO A 117 1.20 13.85 -9.22
CA PRO A 117 0.17 13.17 -8.43
C PRO A 117 0.39 11.66 -8.39
N GLY A 118 1.13 11.14 -9.37
CA GLY A 118 1.39 9.72 -9.43
C GLY A 118 0.35 8.98 -10.24
N VAL A 119 0.77 7.92 -10.92
CA VAL A 119 -0.14 7.11 -11.71
C VAL A 119 0.10 5.63 -11.39
N LEU A 120 -0.99 4.89 -11.21
CA LEU A 120 -0.90 3.46 -10.97
C LEU A 120 -0.71 2.70 -12.27
N VAL A 121 0.30 1.85 -12.31
CA VAL A 121 0.48 0.93 -13.43
C VAL A 121 0.42 -0.49 -12.90
N THR A 122 -0.48 -1.29 -13.45
CA THR A 122 -0.66 -2.66 -13.01
C THR A 122 -0.06 -3.63 -14.02
N VAL A 123 0.71 -4.59 -13.54
CA VAL A 123 1.26 -5.63 -14.39
C VAL A 123 0.47 -6.92 -14.23
N SER A 124 -0.17 -7.35 -15.32
CA SER A 124 -0.97 -8.57 -15.30
C SER A 124 -1.13 -9.11 -16.72
N SER A 125 -1.10 -10.43 -16.86
CA SER A 125 -1.27 -11.07 -18.15
C SER A 125 -2.75 -11.31 -18.42
N ALA A 126 -3.59 -11.01 -17.43
CA ALA A 126 -5.01 -11.33 -17.50
C ALA A 126 -5.77 -10.48 -18.50
N SER A 127 -6.76 -11.09 -19.15
CA SER A 127 -7.66 -10.35 -20.03
C SER A 127 -8.99 -10.13 -19.32
N THR A 128 -9.89 -9.38 -19.94
CA THR A 128 -11.19 -9.08 -19.33
C THR A 128 -11.92 -10.36 -18.96
N LYS A 129 -12.30 -10.46 -17.69
CA LYS A 129 -12.91 -11.68 -17.18
C LYS A 129 -13.90 -11.38 -16.07
N GLY A 130 -15.13 -11.86 -16.23
CA GLY A 130 -16.16 -11.68 -15.22
C GLY A 130 -15.85 -12.48 -13.97
N PRO A 131 -16.47 -12.10 -12.85
CA PRO A 131 -16.16 -12.73 -11.56
C PRO A 131 -16.90 -14.05 -11.32
N SER A 132 -16.31 -14.89 -10.48
CA SER A 132 -17.00 -16.05 -9.93
C SER A 132 -17.41 -15.68 -8.52
N VAL A 133 -18.69 -15.87 -8.19
CA VAL A 133 -19.18 -15.47 -6.88
C VAL A 133 -19.55 -16.67 -6.02
N PHE A 134 -18.91 -16.77 -4.86
CA PHE A 134 -19.15 -17.87 -3.95
C PHE A 134 -19.77 -17.36 -2.66
N PRO A 135 -20.71 -18.13 -2.10
CA PRO A 135 -21.37 -17.70 -0.86
C PRO A 135 -20.47 -17.92 0.35
N LEU A 136 -20.49 -16.96 1.28
CA LEU A 136 -19.83 -17.14 2.56
C LEU A 136 -20.91 -17.37 3.61
N ALA A 137 -21.26 -18.63 3.83
CA ALA A 137 -22.39 -19.00 4.69
C ALA A 137 -22.12 -18.72 6.16
N PRO A 138 -23.16 -18.28 6.89
CA PRO A 138 -23.04 -17.99 8.33
C PRO A 138 -22.83 -19.26 9.15
N GLY A 146 -28.78 -14.00 18.32
CA GLY A 146 -27.91 -12.86 18.17
C GLY A 146 -27.77 -12.40 16.73
N THR A 147 -26.53 -12.15 16.31
CA THR A 147 -26.27 -11.73 14.94
C THR A 147 -25.40 -12.73 14.20
N ALA A 148 -25.48 -12.72 12.88
CA ALA A 148 -24.71 -13.64 12.06
C ALA A 148 -24.06 -12.94 10.87
N ALA A 149 -22.81 -13.29 10.59
CA ALA A 149 -22.10 -12.70 9.47
C ALA A 149 -22.17 -13.61 8.26
N LEU A 150 -22.68 -13.08 7.16
CA LEU A 150 -22.67 -13.80 5.91
C LEU A 150 -22.16 -12.88 4.80
N GLY A 151 -21.66 -13.46 3.73
CA GLY A 151 -21.10 -12.66 2.67
C GLY A 151 -21.04 -13.37 1.34
N CYS A 152 -20.34 -12.77 0.39
CA CYS A 152 -20.01 -13.44 -0.84
C CYS A 152 -18.59 -13.10 -1.27
N LEU A 153 -17.88 -14.10 -1.77
CA LEU A 153 -16.51 -13.94 -2.23
C LEU A 153 -16.54 -13.69 -3.72
N VAL A 154 -16.05 -12.52 -4.13
CA VAL A 154 -16.02 -12.16 -5.54
C VAL A 154 -14.63 -12.46 -6.09
N LYS A 155 -14.50 -13.57 -6.78
CA LYS A 155 -13.18 -14.13 -7.06
C LYS A 155 -12.80 -14.15 -8.54
N ASP A 156 -11.54 -13.80 -8.80
CA ASP A 156 -10.91 -13.96 -10.10
C ASP A 156 -11.57 -13.16 -11.23
N TYR A 157 -11.60 -11.85 -11.07
CA TYR A 157 -12.12 -10.97 -12.12
C TYR A 157 -11.05 -10.01 -12.61
N PHE A 158 -11.27 -9.42 -13.79
CA PHE A 158 -10.33 -8.47 -14.37
C PHE A 158 -11.02 -7.66 -15.46
N PRO A 159 -10.79 -6.34 -15.49
CA PRO A 159 -10.04 -5.59 -14.48
C PRO A 159 -10.99 -5.02 -13.44
N GLU A 160 -10.48 -4.14 -12.59
CA GLU A 160 -11.33 -3.41 -11.66
C GLU A 160 -12.21 -2.42 -12.43
N PRO A 161 -13.33 -1.98 -11.83
CA PRO A 161 -13.83 -2.35 -10.51
C PRO A 161 -15.06 -3.24 -10.58
N VAL A 162 -15.50 -3.71 -9.43
CA VAL A 162 -16.84 -4.27 -9.30
C VAL A 162 -17.55 -3.54 -8.16
N THR A 163 -18.87 -3.55 -8.21
CA THR A 163 -19.66 -3.02 -7.11
C THR A 163 -20.53 -4.13 -6.55
N VAL A 164 -20.79 -4.08 -5.26
CA VAL A 164 -21.60 -5.10 -4.62
C VAL A 164 -22.76 -4.46 -3.87
N SER A 165 -23.94 -5.04 -4.02
CA SER A 165 -25.09 -4.64 -3.23
C SER A 165 -25.74 -5.89 -2.66
N TRP A 166 -26.68 -5.70 -1.75
CA TRP A 166 -27.38 -6.82 -1.14
C TRP A 166 -28.88 -6.65 -1.28
N ASN A 167 -29.55 -7.71 -1.72
CA ASN A 167 -30.99 -7.66 -1.99
C ASN A 167 -31.36 -6.52 -2.92
N SER A 168 -30.59 -6.41 -4.00
CA SER A 168 -30.81 -5.40 -5.05
C SER A 168 -30.68 -3.97 -4.54
N GLY A 169 -30.02 -3.81 -3.39
CA GLY A 169 -29.80 -2.50 -2.82
C GLY A 169 -30.78 -2.16 -1.70
N ALA A 170 -31.64 -3.12 -1.37
CA ALA A 170 -32.62 -2.92 -0.30
C ALA A 170 -31.99 -3.14 1.06
N LEU A 171 -30.86 -3.84 1.07
CA LEU A 171 -30.13 -4.12 2.30
C LEU A 171 -28.82 -3.33 2.32
N THR A 172 -28.72 -2.37 3.23
CA THR A 172 -27.54 -1.52 3.33
C THR A 172 -26.94 -1.53 4.74
N SER A 173 -27.80 -1.74 5.73
CA SER A 173 -27.37 -1.75 7.13
C SER A 173 -26.45 -2.92 7.43
N GLY A 174 -25.30 -2.62 8.00
CA GLY A 174 -24.35 -3.65 8.39
C GLY A 174 -23.59 -4.24 7.21
N VAL A 175 -23.74 -3.63 6.05
CA VAL A 175 -23.06 -4.10 4.84
C VAL A 175 -21.66 -3.50 4.74
N HIS A 176 -20.68 -4.35 4.53
CA HIS A 176 -19.30 -3.91 4.38
C HIS A 176 -18.62 -4.60 3.20
N THR A 177 -18.23 -3.81 2.21
CA THR A 177 -17.51 -4.34 1.06
C THR A 177 -16.05 -3.92 1.14
N PHE A 178 -15.16 -4.89 1.04
CA PHE A 178 -13.73 -4.66 1.23
C PHE A 178 -13.03 -4.37 -0.09
N PRO A 179 -11.87 -3.69 -0.02
CA PRO A 179 -11.06 -3.44 -1.22
C PRO A 179 -10.59 -4.74 -1.85
N ALA A 180 -10.27 -4.68 -3.14
CA ALA A 180 -9.84 -5.87 -3.88
C ALA A 180 -8.36 -6.18 -3.66
N VAL A 181 -8.01 -7.46 -3.73
CA VAL A 181 -6.62 -7.87 -3.75
C VAL A 181 -6.22 -8.28 -5.16
N LEU A 182 -4.96 -8.07 -5.51
CA LEU A 182 -4.43 -8.56 -6.77
C LEU A 182 -3.66 -9.84 -6.50
N GLN A 183 -4.18 -10.95 -7.01
CA GLN A 183 -3.56 -12.24 -6.76
C GLN A 183 -2.37 -12.46 -7.67
N SER A 184 -1.57 -13.48 -7.39
CA SER A 184 -0.39 -13.77 -8.20
C SER A 184 -0.77 -14.21 -9.61
N SER A 185 -2.03 -14.63 -9.77
CA SER A 185 -2.54 -15.05 -11.07
C SER A 185 -2.79 -13.86 -11.99
N GLY A 186 -2.79 -12.67 -11.41
CA GLY A 186 -3.07 -11.46 -12.16
C GLY A 186 -4.54 -11.09 -12.17
N LEU A 187 -5.32 -11.82 -11.38
CA LEU A 187 -6.76 -11.57 -11.26
C LEU A 187 -7.10 -10.99 -9.89
N TYR A 188 -8.18 -10.21 -9.84
CA TYR A 188 -8.61 -9.56 -8.61
C TYR A 188 -9.62 -10.39 -7.82
N SER A 189 -9.62 -10.20 -6.51
CA SER A 189 -10.64 -10.79 -5.65
C SER A 189 -11.02 -9.83 -4.52
N LEU A 190 -12.30 -9.81 -4.17
CA LEU A 190 -12.74 -9.07 -2.99
C LEU A 190 -13.89 -9.78 -2.30
N SER A 191 -14.26 -9.31 -1.12
CA SER A 191 -15.39 -9.87 -0.41
C SER A 191 -16.32 -8.79 0.12
N SER A 192 -17.60 -9.12 0.20
CA SER A 192 -18.59 -8.26 0.82
C SER A 192 -19.23 -9.04 1.94
N VAL A 193 -19.48 -8.39 3.07
CA VAL A 193 -20.08 -9.06 4.21
C VAL A 193 -21.20 -8.20 4.79
N VAL A 194 -22.24 -8.85 5.29
CA VAL A 194 -23.32 -8.16 5.99
C VAL A 194 -23.64 -8.87 7.31
N THR A 195 -23.90 -8.08 8.35
CA THR A 195 -24.29 -8.65 9.64
C THR A 195 -25.79 -8.55 9.85
N VAL A 196 -26.44 -9.70 10.00
CA VAL A 196 -27.89 -9.77 10.10
C VAL A 196 -28.30 -10.53 11.37
N PRO A 197 -29.51 -10.26 11.87
CA PRO A 197 -30.01 -11.01 13.03
C PRO A 197 -30.09 -12.51 12.72
N SER A 198 -29.70 -13.33 13.68
CA SER A 198 -29.67 -14.78 13.50
C SER A 198 -31.06 -15.35 13.21
N SER A 199 -32.07 -14.76 13.84
CA SER A 199 -33.44 -15.23 13.68
C SER A 199 -33.98 -14.97 12.26
N SER A 200 -33.31 -14.09 11.53
CA SER A 200 -33.75 -13.75 10.18
C SER A 200 -33.24 -14.74 9.15
N LEU A 201 -32.32 -15.61 9.57
CA LEU A 201 -31.67 -16.54 8.65
C LEU A 201 -32.63 -17.55 8.02
N GLY A 202 -33.68 -17.91 8.75
CA GLY A 202 -34.63 -18.89 8.26
C GLY A 202 -35.82 -18.28 7.55
N THR A 203 -35.92 -16.96 7.55
CA THR A 203 -37.08 -16.29 6.99
C THR A 203 -36.73 -15.32 5.87
N GLN A 204 -35.58 -14.66 6.01
CA GLN A 204 -35.16 -13.66 5.02
C GLN A 204 -34.21 -14.26 3.99
N THR A 205 -34.44 -13.90 2.72
CA THR A 205 -33.56 -14.30 1.65
C THR A 205 -32.46 -13.26 1.46
N TYR A 206 -31.20 -13.72 1.48
CA TYR A 206 -30.07 -12.82 1.29
C TYR A 206 -29.36 -13.13 -0.01
N ILE A 207 -29.24 -12.12 -0.86
CA ILE A 207 -28.60 -12.26 -2.15
C ILE A 207 -27.60 -11.13 -2.33
N CYS A 208 -26.37 -11.47 -2.69
CA CYS A 208 -25.41 -10.42 -3.03
C CYS A 208 -25.44 -10.19 -4.54
N ASN A 209 -25.45 -8.92 -4.92
CA ASN A 209 -25.48 -8.55 -6.33
C ASN A 209 -24.13 -7.97 -6.71
N VAL A 210 -23.47 -8.62 -7.65
CA VAL A 210 -22.14 -8.19 -8.08
C VAL A 210 -22.19 -7.66 -9.50
N ASN A 211 -21.71 -6.44 -9.70
CA ASN A 211 -21.72 -5.81 -11.01
C ASN A 211 -20.31 -5.58 -11.53
N HIS A 212 -19.96 -6.21 -12.64
CA HIS A 212 -18.66 -6.00 -13.26
C HIS A 212 -18.84 -5.41 -14.66
N LYS A 213 -18.96 -4.10 -14.71
CA LYS A 213 -19.15 -3.37 -15.98
C LYS A 213 -18.11 -3.65 -17.08
N PRO A 214 -16.80 -3.76 -16.74
CA PRO A 214 -15.81 -4.05 -17.78
C PRO A 214 -16.11 -5.30 -18.63
N SER A 215 -16.73 -6.32 -18.04
CA SER A 215 -17.08 -7.51 -18.82
C SER A 215 -18.58 -7.56 -19.09
N ASN A 216 -19.28 -6.50 -18.68
CA ASN A 216 -20.73 -6.42 -18.80
C ASN A 216 -21.42 -7.61 -18.13
N THR A 217 -20.91 -7.97 -16.95
CA THR A 217 -21.45 -9.09 -16.20
C THR A 217 -22.06 -8.65 -14.88
N LYS A 218 -23.24 -9.18 -14.59
CA LYS A 218 -23.83 -9.07 -13.26
C LYS A 218 -24.09 -10.48 -12.76
N VAL A 219 -23.67 -10.74 -11.53
CA VAL A 219 -23.88 -12.04 -10.92
C VAL A 219 -24.61 -11.88 -9.61
N ASP A 220 -25.69 -12.64 -9.43
CA ASP A 220 -26.43 -12.65 -8.18
C ASP A 220 -26.25 -13.99 -7.51
N LYS A 221 -25.79 -13.98 -6.26
CA LYS A 221 -25.62 -15.22 -5.52
C LYS A 221 -26.51 -15.24 -4.29
N ARG A 222 -27.38 -16.24 -4.21
CA ARG A 222 -28.22 -16.44 -3.04
C ARG A 222 -27.36 -17.07 -1.95
N VAL A 223 -27.29 -16.42 -0.79
CA VAL A 223 -26.49 -16.93 0.31
C VAL A 223 -27.36 -17.58 1.37
N GLU A 224 -27.16 -18.88 1.57
CA GLU A 224 -27.99 -19.65 2.48
C GLU A 224 -27.19 -20.24 3.63
N PRO A 225 -27.82 -20.40 4.80
CA PRO A 225 -27.17 -21.02 5.97
C PRO A 225 -26.88 -22.50 5.74
N PRO B 2 16.63 -4.44 5.97
CA PRO B 2 16.96 -3.45 4.93
C PRO B 2 18.11 -2.54 5.37
N VAL B 3 18.55 -1.66 4.47
CA VAL B 3 19.53 -0.65 4.81
C VAL B 3 18.94 0.30 5.85
N LEU B 4 17.72 0.78 5.57
CA LEU B 4 17.01 1.67 6.47
C LEU B 4 15.80 0.96 7.07
N THR B 5 15.77 0.88 8.40
CA THR B 5 14.66 0.24 9.11
C THR B 5 13.80 1.27 9.84
N GLN B 6 12.52 1.31 9.47
CA GLN B 6 11.55 2.15 10.17
C GLN B 6 10.43 1.29 10.75
N PRO B 7 9.97 1.65 11.96
CA PRO B 7 8.79 0.98 12.53
C PRO B 7 7.63 1.11 11.55
N THR B 8 6.81 0.07 11.44
CA THR B 8 5.72 0.08 10.47
C THR B 8 4.68 1.12 10.82
N SER B 9 4.39 1.25 12.11
CA SER B 9 3.39 2.21 12.58
C SER B 9 3.77 2.83 13.90
N LEU B 10 3.08 3.91 14.24
CA LEU B 10 3.29 4.61 15.50
C LEU B 10 2.05 5.47 15.76
N SER B 11 1.69 5.62 17.01
CA SER B 11 0.57 6.50 17.36
C SER B 11 0.94 7.37 18.56
N ALA B 12 0.40 8.59 18.57
CA ALA B 12 0.60 9.51 19.68
C ALA B 12 -0.56 10.49 19.77
N SER B 13 -0.71 11.13 20.92
CA SER B 13 -1.84 12.01 21.17
C SER B 13 -1.60 13.40 20.57
N PRO B 14 -2.68 14.12 20.25
CA PRO B 14 -2.53 15.51 19.79
C PRO B 14 -1.84 16.35 20.84
N GLY B 15 -0.95 17.23 20.42
CA GLY B 15 -0.24 18.10 21.34
C GLY B 15 0.99 17.45 21.95
N ALA B 16 1.13 16.14 21.75
CA ALA B 16 2.30 15.42 22.23
C ALA B 16 3.41 15.49 21.21
N SER B 17 4.47 14.72 21.45
CA SER B 17 5.61 14.68 20.55
C SER B 17 5.75 13.32 19.88
N ALA B 18 6.20 13.32 18.64
CA ALA B 18 6.48 12.08 17.93
C ALA B 18 7.97 11.96 17.67
N ARG B 19 8.49 10.76 17.94
CA ARG B 19 9.89 10.46 17.68
C ARG B 19 9.95 9.29 16.70
N LEU B 20 10.23 9.60 15.44
CA LEU B 20 10.27 8.58 14.40
C LEU B 20 11.72 8.21 14.07
N SER B 21 12.01 6.92 14.15
CA SER B 21 13.38 6.45 13.99
C SER B 21 13.63 5.85 12.61
N CYS B 22 14.86 6.01 12.14
CA CYS B 22 15.29 5.45 10.87
C CYS B 22 16.63 4.78 11.10
N THR B 23 16.61 3.49 11.38
CA THR B 23 17.81 2.76 11.78
C THR B 23 18.61 2.25 10.59
N LEU B 24 19.86 2.68 10.52
CA LEU B 24 20.75 2.25 9.45
C LEU B 24 21.41 0.93 9.84
N SER B 25 21.51 0.01 8.88
CA SER B 25 22.21 -1.24 9.13
C SER B 25 23.68 -0.96 9.44
N SER B 26 24.33 -1.90 10.12
CA SER B 26 25.64 -1.64 10.74
C SER B 26 26.76 -1.24 9.77
N GLY B 27 26.59 -1.56 8.49
CA GLY B 27 27.59 -1.19 7.50
C GLY B 27 27.57 0.30 7.21
N PHE B 28 26.51 0.97 7.65
CA PHE B 28 26.30 2.38 7.36
C PHE B 28 26.32 3.19 8.65
N THR B 29 27.48 3.72 9.01
CA THR B 29 27.60 4.53 10.22
C THR B 29 26.80 5.81 10.06
N VAL B 30 25.79 5.99 10.90
CA VAL B 30 24.85 7.11 10.77
C VAL B 30 25.54 8.47 10.81
N GLY B 31 26.68 8.54 11.49
CA GLY B 31 27.45 9.76 11.56
C GLY B 31 27.98 10.24 10.22
N ARG B 32 28.00 9.35 9.24
CA ARG B 32 28.55 9.67 7.92
C ARG B 32 27.49 10.04 6.89
N TYR B 33 26.21 9.94 7.25
CA TYR B 33 25.14 10.11 6.27
C TYR B 33 24.15 11.23 6.57
N SER B 34 23.71 11.89 5.50
CA SER B 34 22.62 12.85 5.59
C SER B 34 21.29 12.11 5.48
N ILE B 35 20.42 12.31 6.46
CA ILE B 35 19.12 11.62 6.47
C ILE B 35 18.03 12.54 5.95
N PHE B 36 17.34 12.11 4.90
CA PHE B 36 16.27 12.89 4.31
C PHE B 36 14.91 12.37 4.75
N TRP B 37 13.96 13.27 5.00
CA TRP B 37 12.64 12.87 5.48
C TRP B 37 11.51 13.42 4.61
N TYR B 38 10.51 12.57 4.39
CA TYR B 38 9.37 12.93 3.57
C TYR B 38 8.07 12.59 4.29
N GLN B 39 7.06 13.40 4.05
CA GLN B 39 5.75 13.18 4.66
C GLN B 39 4.73 12.87 3.58
N GLN B 40 4.02 11.76 3.72
CA GLN B 40 3.04 11.36 2.72
C GLN B 40 1.65 11.15 3.31
N LYS B 41 0.71 11.97 2.84
CA LYS B 41 -0.68 11.86 3.27
C LYS B 41 -1.46 11.08 2.21
N PRO B 42 -2.53 10.36 2.63
CA PRO B 42 -3.31 9.45 1.79
C PRO B 42 -3.64 9.96 0.40
N GLY B 43 -3.34 9.15 -0.61
CA GLY B 43 -3.66 9.47 -2.00
C GLY B 43 -2.94 10.69 -2.54
N SER B 44 -1.84 11.06 -1.90
CA SER B 44 -1.11 12.27 -2.25
C SER B 44 0.39 11.95 -2.26
N PRO B 45 1.15 12.65 -3.11
CA PRO B 45 2.59 12.37 -3.19
C PRO B 45 3.32 12.83 -1.93
N PRO B 46 4.47 12.20 -1.62
CA PRO B 46 5.27 12.58 -0.46
C PRO B 46 5.70 14.04 -0.53
N ARG B 47 5.96 14.63 0.63
CA ARG B 47 6.37 16.02 0.73
C ARG B 47 7.68 16.12 1.50
N TYR B 48 8.67 16.76 0.90
CA TYR B 48 9.97 16.93 1.53
C TYR B 48 9.85 17.74 2.81
N LEU B 49 10.32 17.16 3.92
CA LEU B 49 10.29 17.85 5.21
C LEU B 49 11.61 18.54 5.49
N LEU B 50 12.67 17.74 5.54
CA LEU B 50 14.00 18.24 5.87
C LEU B 50 15.06 17.19 5.61
N TYR B 51 16.31 17.59 5.75
CA TYR B 51 17.41 16.64 5.85
C TYR B 51 18.25 17.03 7.05
N TYR B 52 18.92 16.06 7.64
CA TYR B 52 19.78 16.31 8.79
C TYR B 52 21.05 15.48 8.71
N PHE B 53 22.19 16.14 8.85
CA PHE B 53 23.47 15.46 8.97
C PHE B 53 24.02 15.73 10.36
N SER B 54 23.98 16.99 10.75
CA SER B 54 24.46 17.43 12.04
C SER B 54 23.82 18.78 12.35
N ASP B 55 24.11 19.33 13.52
CA ASP B 55 23.57 20.62 13.92
C ASP B 55 24.01 21.74 12.97
N SER B 56 25.20 21.59 12.41
CA SER B 56 25.77 22.58 11.51
C SER B 56 25.56 22.23 10.04
N SER B 57 24.93 21.10 9.78
CA SER B 57 24.62 20.68 8.41
C SER B 57 23.22 20.09 8.30
N GLN B 58 22.26 20.94 7.96
CA GLN B 58 20.88 20.53 7.85
C GLN B 58 20.11 21.59 7.08
N HIS B 59 18.93 21.23 6.57
CA HIS B 59 18.10 22.20 5.87
C HIS B 59 16.63 21.84 5.94
N GLN B 60 15.80 22.83 6.23
CA GLN B 60 14.37 22.64 6.33
C GLN B 60 13.72 22.83 4.96
N GLY B 61 12.75 21.99 4.64
CA GLY B 61 11.99 22.16 3.42
C GLY B 61 11.17 23.44 3.50
N SER B 62 10.94 24.07 2.35
CA SER B 62 10.14 25.29 2.31
C SER B 62 8.71 24.99 2.73
N GLY B 63 8.16 25.86 3.58
CA GLY B 63 6.81 25.70 4.06
C GLY B 63 6.67 24.67 5.17
N VAL B 64 7.78 24.12 5.62
CA VAL B 64 7.77 23.14 6.70
C VAL B 64 8.07 23.81 8.03
N PRO B 65 7.10 23.78 8.97
CA PRO B 65 7.23 24.46 10.25
C PRO B 65 8.39 23.94 11.09
N SER B 66 8.79 24.72 12.09
CA SER B 66 9.95 24.40 12.92
C SER B 66 9.71 23.21 13.84
N ARG B 67 8.44 22.86 14.04
CA ARG B 67 8.09 21.74 14.91
C ARG B 67 8.53 20.39 14.34
N PHE B 68 8.83 20.37 13.04
CA PHE B 68 9.49 19.22 12.42
C PHE B 68 11.00 19.44 12.46
N SER B 69 11.72 18.54 13.13
CA SER B 69 13.18 18.67 13.20
C SER B 69 13.87 17.33 13.08
N GLY B 70 15.14 17.36 12.69
CA GLY B 70 15.91 16.14 12.54
C GLY B 70 16.93 16.00 13.65
N SER B 71 17.36 14.76 13.89
CA SER B 71 18.40 14.49 14.87
C SER B 71 18.97 13.10 14.61
N LYS B 72 19.97 12.71 15.39
CA LYS B 72 20.56 11.38 15.27
C LYS B 72 20.75 10.74 16.63
N ASP B 73 20.68 9.42 16.64
CA ASP B 73 20.98 8.63 17.84
C ASP B 73 22.17 7.72 17.52
N ALA B 74 23.37 8.16 17.88
CA ALA B 74 24.59 7.43 17.57
C ALA B 74 24.60 6.00 18.11
N SER B 75 24.19 5.83 19.36
CA SER B 75 24.22 4.52 20.00
C SER B 75 23.25 3.55 19.35
N ALA B 76 22.20 4.09 18.73
CA ALA B 76 21.22 3.28 18.03
C ALA B 76 21.48 3.21 16.53
N ASN B 77 22.48 3.98 16.09
CA ASN B 77 22.80 4.13 14.67
C ASN B 77 21.57 4.53 13.86
N ALA B 78 20.86 5.55 14.32
CA ALA B 78 19.57 5.90 13.74
C ALA B 78 19.41 7.39 13.47
N GLY B 79 18.74 7.70 12.36
CA GLY B 79 18.29 9.06 12.10
C GLY B 79 16.92 9.22 12.74
N LEU B 80 16.63 10.44 13.19
CA LEU B 80 15.37 10.69 13.88
C LEU B 80 14.62 11.85 13.28
N LEU B 81 13.31 11.70 13.17
CA LEU B 81 12.44 12.81 12.82
C LEU B 81 11.61 13.15 14.04
N LEU B 82 11.80 14.35 14.57
CA LEU B 82 11.09 14.78 15.76
C LEU B 82 9.95 15.72 15.37
N ILE B 83 8.76 15.44 15.90
CA ILE B 83 7.60 16.28 15.63
C ILE B 83 6.99 16.71 16.96
N SER B 84 7.00 18.02 17.22
CA SER B 84 6.42 18.55 18.45
C SER B 84 5.06 19.18 18.17
N GLY B 85 4.23 19.26 19.20
CA GLY B 85 2.91 19.86 19.08
C GLY B 85 2.06 19.19 18.03
N LEU B 86 1.94 17.86 18.14
CA LEU B 86 1.24 17.05 17.15
C LEU B 86 -0.18 17.52 16.89
N GLN B 87 -0.49 17.71 15.60
CA GLN B 87 -1.85 18.04 15.17
C GLN B 87 -2.42 16.87 14.41
N SER B 88 -3.74 16.85 14.24
CA SER B 88 -4.40 15.77 13.52
C SER B 88 -3.93 15.71 12.06
N GLU B 89 -3.52 16.85 11.53
CA GLU B 89 -3.04 16.92 10.14
C GLU B 89 -1.67 16.26 9.97
N ASP B 90 -0.99 16.02 11.08
CA ASP B 90 0.34 15.40 11.02
C ASP B 90 0.26 13.89 10.75
N GLU B 91 -0.96 13.36 10.75
CA GLU B 91 -1.17 11.96 10.47
C GLU B 91 -0.77 11.65 9.02
N ALA B 92 0.24 10.81 8.86
CA ALA B 92 0.82 10.55 7.54
C ALA B 92 1.79 9.37 7.56
N ASP B 93 2.26 9.00 6.37
CA ASP B 93 3.31 8.01 6.22
C ASP B 93 4.63 8.77 6.10
N TYR B 94 5.54 8.54 7.04
CA TYR B 94 6.81 9.26 7.05
C TYR B 94 7.97 8.38 6.56
N HIS B 95 8.60 8.82 5.48
CA HIS B 95 9.66 8.05 4.83
C HIS B 95 11.03 8.68 5.09
N CYS B 96 12.02 7.86 5.40
CA CYS B 96 13.40 8.35 5.46
C CYS B 96 14.20 7.83 4.27
N ALA B 97 15.22 8.57 3.88
CA ALA B 97 16.05 8.18 2.75
C ALA B 97 17.49 8.62 2.93
N ILE B 98 18.42 7.80 2.44
CA ILE B 98 19.82 8.21 2.36
C ILE B 98 20.37 7.96 0.96
N TRP B 99 21.49 8.61 0.65
CA TRP B 99 22.16 8.40 -0.62
C TRP B 99 23.41 7.57 -0.38
N HIS B 100 23.61 6.56 -1.23
CA HIS B 100 24.80 5.71 -1.13
C HIS B 100 25.15 5.04 -2.45
N SER B 101 26.39 5.24 -2.88
CA SER B 101 26.97 4.56 -4.03
C SER B 101 26.11 4.60 -5.30
N GLY B 102 25.68 5.79 -5.69
CA GLY B 102 24.97 5.96 -6.94
C GLY B 102 23.48 5.67 -6.88
N ALA B 103 22.93 5.53 -5.67
CA ALA B 103 21.51 5.25 -5.53
C ALA B 103 20.91 5.79 -4.24
N TRP B 104 19.66 6.22 -4.33
CA TRP B 104 18.87 6.57 -3.16
C TRP B 104 18.28 5.30 -2.55
N VAL B 105 18.32 5.22 -1.22
CA VAL B 105 17.72 4.11 -0.50
C VAL B 105 16.60 4.64 0.40
N PHE B 106 15.44 4.00 0.36
CA PHE B 106 14.32 4.41 1.21
C PHE B 106 14.03 3.42 2.33
N GLY B 107 13.53 3.91 3.45
CA GLY B 107 13.00 3.04 4.49
C GLY B 107 11.62 2.56 4.07
N GLY B 108 11.01 1.72 4.90
CA GLY B 108 9.69 1.19 4.60
C GLY B 108 8.57 2.19 4.83
N GLY B 109 8.89 3.25 5.58
CA GLY B 109 7.90 4.26 5.93
C GLY B 109 7.17 3.92 7.22
N THR B 110 6.98 4.92 8.07
CA THR B 110 6.25 4.74 9.33
C THR B 110 4.89 5.44 9.27
N ARG B 111 3.83 4.67 9.46
CA ARG B 111 2.50 5.25 9.47
C ARG B 111 2.18 5.82 10.85
N LEU B 112 2.13 7.14 10.93
CA LEU B 112 1.87 7.82 12.18
C LEU B 112 0.39 8.16 12.30
N THR B 113 -0.23 7.68 13.37
CA THR B 113 -1.61 8.02 13.66
C THR B 113 -1.64 9.05 14.78
N VAL B 114 -2.39 10.12 14.59
CA VAL B 114 -2.62 11.06 15.67
C VAL B 114 -3.98 10.73 16.29
N LEU B 115 -3.95 10.21 17.51
CA LEU B 115 -5.15 9.65 18.15
C LEU B 115 -6.33 10.63 18.19
N GLY B 116 -7.46 10.20 17.64
CA GLY B 116 -8.62 11.05 17.53
C GLY B 116 -9.90 10.36 17.96
N GLN B 117 -9.75 9.14 18.44
CA GLN B 117 -10.87 8.34 18.93
C GLN B 117 -10.29 7.25 19.84
N PRO B 118 -11.14 6.59 20.63
CA PRO B 118 -10.64 5.53 21.52
C PRO B 118 -10.01 4.36 20.77
N LYS B 119 -8.94 3.81 21.32
CA LYS B 119 -8.36 2.59 20.78
C LYS B 119 -9.37 1.45 20.85
N ALA B 120 -9.28 0.53 19.90
CA ALA B 120 -10.23 -0.58 19.86
C ALA B 120 -9.58 -1.82 19.25
N ALA B 121 -9.73 -2.95 19.92
CA ALA B 121 -9.19 -4.21 19.44
C ALA B 121 -10.05 -4.74 18.30
N PRO B 122 -9.45 -5.46 17.35
CA PRO B 122 -10.18 -5.92 16.17
C PRO B 122 -11.12 -7.10 16.44
N SER B 123 -12.25 -7.11 15.75
CA SER B 123 -13.10 -8.30 15.70
C SER B 123 -12.69 -9.08 14.46
N VAL B 124 -12.66 -10.41 14.57
CA VAL B 124 -12.20 -11.23 13.46
C VAL B 124 -13.24 -12.30 13.09
N THR B 125 -13.53 -12.40 11.80
CA THR B 125 -14.43 -13.42 11.28
C THR B 125 -13.71 -14.19 10.18
N LEU B 126 -13.67 -15.52 10.31
CA LEU B 126 -12.95 -16.35 9.34
C LEU B 126 -13.88 -17.32 8.64
N PHE B 127 -13.97 -17.23 7.32
CA PHE B 127 -14.81 -18.12 6.52
C PHE B 127 -13.98 -19.23 5.87
N PRO B 128 -14.45 -20.48 6.00
CA PRO B 128 -13.82 -21.62 5.34
C PRO B 128 -14.17 -21.58 3.85
N PRO B 129 -13.51 -22.43 3.04
CA PRO B 129 -13.91 -22.50 1.63
C PRO B 129 -15.36 -22.97 1.49
N SER B 130 -16.12 -22.34 0.60
CA SER B 130 -17.50 -22.76 0.38
C SER B 130 -17.54 -24.08 -0.35
N SER B 131 -18.66 -24.79 -0.23
CA SER B 131 -18.87 -26.04 -0.96
C SER B 131 -18.78 -25.80 -2.46
N GLU B 132 -19.39 -24.71 -2.93
CA GLU B 132 -19.36 -24.37 -4.35
C GLU B 132 -17.95 -24.17 -4.87
N GLU B 133 -17.12 -23.44 -4.12
CA GLU B 133 -15.75 -23.20 -4.56
C GLU B 133 -14.95 -24.49 -4.64
N LEU B 134 -15.06 -25.31 -3.61
CA LEU B 134 -14.38 -26.61 -3.58
C LEU B 134 -14.77 -27.47 -4.78
N GLN B 135 -16.05 -27.43 -5.13
CA GLN B 135 -16.56 -28.19 -6.28
C GLN B 135 -16.07 -27.60 -7.60
N ALA B 136 -15.55 -26.38 -7.55
CA ALA B 136 -14.93 -25.76 -8.72
C ALA B 136 -13.42 -25.90 -8.64
N ASN B 137 -12.97 -26.89 -7.86
CA ASN B 137 -11.55 -27.18 -7.68
C ASN B 137 -10.72 -26.01 -7.15
N LYS B 138 -11.32 -25.20 -6.28
CA LYS B 138 -10.60 -24.09 -5.66
C LYS B 138 -10.90 -24.01 -4.16
N ALA B 139 -10.03 -23.31 -3.43
CA ALA B 139 -10.22 -23.13 -2.00
C ALA B 139 -9.63 -21.79 -1.57
N THR B 140 -10.45 -21.00 -0.89
CA THR B 140 -10.05 -19.70 -0.40
C THR B 140 -10.54 -19.53 1.02
N LEU B 141 -9.63 -19.16 1.91
CA LEU B 141 -10.02 -18.79 3.28
C LEU B 141 -10.11 -17.28 3.34
N VAL B 142 -11.20 -16.78 3.92
CA VAL B 142 -11.43 -15.34 3.97
C VAL B 142 -11.47 -14.85 5.40
N CYS B 143 -10.50 -14.00 5.75
CA CYS B 143 -10.41 -13.46 7.09
C CYS B 143 -10.80 -11.99 7.07
N LEU B 144 -11.93 -11.67 7.68
CA LEU B 144 -12.41 -10.30 7.72
C LEU B 144 -12.13 -9.70 9.09
N ILE B 145 -11.48 -8.54 9.10
CA ILE B 145 -11.04 -7.90 10.33
C ILE B 145 -11.71 -6.54 10.42
N SER B 146 -12.29 -6.22 11.58
CA SER B 146 -13.03 -4.96 11.69
C SER B 146 -13.01 -4.33 13.08
N ASP B 147 -13.51 -3.10 13.14
CA ASP B 147 -13.75 -2.37 14.39
C ASP B 147 -12.49 -2.05 15.18
N PHE B 148 -11.37 -1.87 14.49
CA PHE B 148 -10.12 -1.57 15.19
C PHE B 148 -9.61 -0.16 14.98
N TYR B 149 -8.84 0.32 15.97
CA TYR B 149 -8.21 1.63 15.90
C TYR B 149 -7.02 1.63 16.88
N PRO B 150 -5.86 2.15 16.44
CA PRO B 150 -5.53 2.75 15.14
C PRO B 150 -5.58 1.75 14.00
N GLY B 151 -5.51 2.25 12.77
CA GLY B 151 -5.69 1.42 11.58
C GLY B 151 -4.44 0.71 11.12
N ALA B 152 -3.74 0.07 12.05
CA ALA B 152 -2.57 -0.71 11.71
C ALA B 152 -2.64 -2.09 12.37
N VAL B 153 -2.61 -3.13 11.54
CA VAL B 153 -2.61 -4.51 12.03
C VAL B 153 -1.64 -5.34 11.22
N THR B 154 -1.28 -6.50 11.76
CA THR B 154 -0.48 -7.46 11.02
C THR B 154 -1.22 -8.79 10.99
N VAL B 155 -1.23 -9.45 9.83
CA VAL B 155 -1.98 -10.69 9.67
C VAL B 155 -1.06 -11.86 9.38
N ALA B 156 -1.20 -12.93 10.16
CA ALA B 156 -0.42 -14.15 9.97
C ALA B 156 -1.32 -15.36 9.84
N TRP B 157 -1.04 -16.20 8.84
CA TRP B 157 -1.83 -17.41 8.64
C TRP B 157 -1.08 -18.65 9.12
N LYS B 158 -1.83 -19.64 9.59
CA LYS B 158 -1.23 -20.89 10.05
C LYS B 158 -1.93 -22.11 9.48
N ALA B 159 -1.13 -23.11 9.10
CA ALA B 159 -1.63 -24.42 8.75
C ALA B 159 -1.34 -25.32 9.94
N ASP B 160 -2.39 -25.80 10.61
CA ASP B 160 -2.27 -26.41 11.93
C ASP B 160 -1.62 -25.40 12.88
N SER B 161 -0.40 -25.69 13.33
CA SER B 161 0.33 -24.75 14.17
C SER B 161 1.48 -24.11 13.40
N SER B 162 1.66 -24.54 12.15
CA SER B 162 2.77 -24.07 11.33
C SER B 162 2.36 -22.86 10.50
N PRO B 163 3.21 -21.81 10.53
CA PRO B 163 2.95 -20.60 9.75
C PRO B 163 2.91 -20.87 8.25
N VAL B 164 2.10 -20.10 7.52
CA VAL B 164 2.03 -20.22 6.07
C VAL B 164 2.06 -18.86 5.40
N LYS B 165 3.00 -18.67 4.48
CA LYS B 165 3.20 -17.40 3.81
C LYS B 165 2.69 -17.41 2.37
N ALA B 166 2.79 -18.56 1.72
CA ALA B 166 2.39 -18.69 0.33
C ALA B 166 0.87 -18.57 0.16
N GLY B 167 0.45 -17.84 -0.87
CA GLY B 167 -0.95 -17.71 -1.20
C GLY B 167 -1.71 -16.75 -0.29
N VAL B 168 -0.99 -15.80 0.29
CA VAL B 168 -1.59 -14.80 1.16
C VAL B 168 -1.66 -13.43 0.51
N GLU B 169 -2.86 -12.84 0.51
CA GLU B 169 -3.05 -11.46 0.09
C GLU B 169 -3.83 -10.72 1.17
N THR B 170 -3.39 -9.50 1.50
CA THR B 170 -3.99 -8.73 2.59
C THR B 170 -4.19 -7.29 2.17
N THR B 171 -5.37 -6.74 2.46
CA THR B 171 -5.68 -5.37 2.09
C THR B 171 -5.23 -4.35 3.14
N THR B 172 -4.98 -3.12 2.69
CA THR B 172 -4.67 -2.02 3.59
C THR B 172 -5.95 -1.64 4.34
N PRO B 173 -5.85 -1.47 5.66
CA PRO B 173 -7.03 -1.12 6.48
C PRO B 173 -7.67 0.20 6.05
N SER B 174 -9.00 0.23 6.02
CA SER B 174 -9.73 1.44 5.67
C SER B 174 -10.95 1.61 6.57
N LYS B 175 -11.38 2.85 6.75
CA LYS B 175 -12.49 3.16 7.65
C LYS B 175 -13.83 2.70 7.12
N GLN B 176 -14.64 2.13 8.01
CA GLN B 176 -16.03 1.81 7.70
C GLN B 176 -16.93 2.93 8.22
N SER B 177 -18.24 2.71 8.16
CA SER B 177 -19.21 3.74 8.53
C SER B 177 -19.17 4.11 10.01
N ASN B 178 -18.63 3.22 10.84
CA ASN B 178 -18.53 3.49 12.28
C ASN B 178 -17.25 4.25 12.65
N ASN B 179 -16.55 4.75 11.64
CA ASN B 179 -15.31 5.49 11.79
C ASN B 179 -14.13 4.64 12.30
N LYS B 180 -14.32 3.33 12.41
CA LYS B 180 -13.23 2.43 12.78
C LYS B 180 -12.72 1.68 11.56
N TYR B 181 -11.52 1.11 11.66
CA TYR B 181 -10.89 0.48 10.51
C TYR B 181 -11.27 -0.99 10.31
N ALA B 182 -11.18 -1.42 9.06
CA ALA B 182 -11.41 -2.80 8.69
C ALA B 182 -10.46 -3.21 7.57
N ALA B 183 -10.14 -4.50 7.51
CA ALA B 183 -9.30 -5.03 6.46
C ALA B 183 -9.67 -6.47 6.19
N SER B 184 -9.08 -7.04 5.15
CA SER B 184 -9.37 -8.42 4.78
C SER B 184 -8.09 -9.11 4.36
N SER B 185 -8.00 -10.41 4.68
CA SER B 185 -6.87 -11.21 4.25
C SER B 185 -7.38 -12.51 3.64
N TYR B 186 -6.64 -13.04 2.68
CA TYR B 186 -7.05 -14.27 2.03
C TYR B 186 -5.92 -15.30 2.06
N LEU B 187 -6.29 -16.57 2.20
CA LEU B 187 -5.34 -17.65 2.01
C LEU B 187 -5.82 -18.56 0.90
N SER B 188 -5.07 -18.64 -0.18
CA SER B 188 -5.40 -19.52 -1.30
C SER B 188 -4.82 -20.91 -1.07
N LEU B 189 -5.66 -21.92 -1.24
CA LEU B 189 -5.25 -23.31 -1.05
C LEU B 189 -5.82 -24.17 -2.15
N THR B 190 -5.30 -25.39 -2.28
CA THR B 190 -5.94 -26.39 -3.10
C THR B 190 -6.99 -27.07 -2.22
N PRO B 191 -8.03 -27.65 -2.85
CA PRO B 191 -9.02 -28.41 -2.08
C PRO B 191 -8.38 -29.52 -1.24
N GLU B 192 -7.31 -30.13 -1.76
CA GLU B 192 -6.66 -31.22 -1.04
C GLU B 192 -5.87 -30.71 0.16
N GLN B 193 -5.21 -29.57 0.01
CA GLN B 193 -4.53 -28.93 1.12
C GLN B 193 -5.51 -28.64 2.25
N TRP B 194 -6.66 -28.08 1.89
CA TRP B 194 -7.70 -27.75 2.86
C TRP B 194 -8.21 -28.98 3.59
N LYS B 195 -8.42 -30.07 2.86
CA LYS B 195 -9.02 -31.27 3.45
C LYS B 195 -8.03 -32.13 4.22
N SER B 196 -6.73 -31.96 3.99
CA SER B 196 -5.72 -32.82 4.59
C SER B 196 -5.11 -32.26 5.87
N HIS B 197 -5.49 -31.04 6.24
CA HIS B 197 -4.99 -30.43 7.47
C HIS B 197 -6.06 -30.41 8.55
N ARG B 198 -5.62 -30.51 9.81
CA ARG B 198 -6.55 -30.50 10.93
C ARG B 198 -7.24 -29.15 11.05
N SER B 199 -6.48 -28.08 10.90
CA SER B 199 -7.06 -26.74 10.96
C SER B 199 -6.18 -25.67 10.32
N TYR B 200 -6.80 -24.55 9.99
CA TYR B 200 -6.10 -23.35 9.52
C TYR B 200 -6.55 -22.17 10.37
N SER B 201 -5.65 -21.24 10.62
CA SER B 201 -5.94 -20.10 11.49
C SER B 201 -5.55 -18.77 10.86
N CYS B 202 -6.37 -17.76 11.10
CA CYS B 202 -6.03 -16.38 10.75
C CYS B 202 -5.72 -15.64 12.04
N GLN B 203 -4.51 -15.09 12.13
CA GLN B 203 -4.06 -14.46 13.36
C GLN B 203 -3.75 -12.98 13.15
N VAL B 204 -4.43 -12.12 13.90
CA VAL B 204 -4.33 -10.69 13.69
C VAL B 204 -3.72 -10.00 14.92
N THR B 205 -2.64 -9.26 14.71
CA THR B 205 -2.01 -8.51 15.80
C THR B 205 -2.31 -7.02 15.70
N HIS B 206 -2.74 -6.44 16.81
CA HIS B 206 -3.05 -5.03 16.87
C HIS B 206 -2.59 -4.48 18.21
N GLU B 207 -1.50 -3.72 18.19
CA GLU B 207 -0.88 -3.19 19.40
C GLU B 207 -0.57 -4.31 20.40
N GLY B 208 -1.20 -4.25 21.58
CA GLY B 208 -0.92 -5.23 22.62
C GLY B 208 -1.75 -6.50 22.54
N SER B 209 -2.60 -6.60 21.51
CA SER B 209 -3.50 -7.74 21.41
C SER B 209 -3.28 -8.56 20.15
N THR B 210 -3.58 -9.86 20.25
CA THR B 210 -3.56 -10.76 19.12
C THR B 210 -4.83 -11.59 19.14
N VAL B 211 -5.62 -11.49 18.07
CA VAL B 211 -6.86 -12.24 17.97
C VAL B 211 -6.80 -13.27 16.85
N GLU B 212 -7.04 -14.53 17.20
CA GLU B 212 -6.93 -15.63 16.25
C GLU B 212 -8.22 -16.44 16.12
N LYS B 213 -8.67 -16.64 14.88
CA LYS B 213 -9.81 -17.51 14.60
C LYS B 213 -9.34 -18.73 13.82
N THR B 214 -10.00 -19.86 14.03
CA THR B 214 -9.59 -21.12 13.43
C THR B 214 -10.77 -21.83 12.80
N VAL B 215 -10.58 -22.35 11.60
CA VAL B 215 -11.60 -23.17 10.94
C VAL B 215 -11.04 -24.55 10.62
N ALA B 216 -11.92 -25.52 10.45
CA ALA B 216 -11.52 -26.89 10.14
C ALA B 216 -12.47 -27.51 9.12
N PRO B 217 -11.93 -28.38 8.25
CA PRO B 217 -12.75 -29.05 7.23
C PRO B 217 -13.71 -30.08 7.82
S SO4 C . 16.86 19.20 -28.78
O1 SO4 C . 15.82 19.36 -27.76
O2 SO4 C . 17.71 18.07 -28.43
O3 SO4 C . 16.24 18.95 -30.07
O4 SO4 C . 17.67 20.41 -28.85
S SO4 D . -18.73 0.76 4.98
O1 SO4 D . -19.87 1.07 4.12
O2 SO4 D . -18.24 -0.58 4.69
O3 SO4 D . -17.67 1.73 4.75
O4 SO4 D . -19.16 0.84 6.38
S SO4 E . 25.93 12.69 2.69
O1 SO4 E . 25.11 11.59 3.19
O2 SO4 E . 27.22 12.18 2.25
O3 SO4 E . 25.24 13.33 1.57
O4 SO4 E . 26.13 13.66 3.76
C1 GOL F . -7.93 8.53 11.51
O1 GOL F . -6.82 7.66 11.43
C2 GOL F . -8.22 8.83 12.98
O2 GOL F . -7.04 9.25 13.61
C3 GOL F . -9.33 9.86 13.14
O3 GOL F . -8.93 11.10 12.61
C1 GOL G . 1.96 1.62 18.37
O1 GOL G . 2.41 2.95 18.51
C2 GOL G . 0.61 1.63 17.65
O2 GOL G . -0.23 2.54 18.32
C3 GOL G . 0.81 2.08 16.22
O3 GOL G . -0.45 2.31 15.60
#